data_2PI6
#
_entry.id   2PI6
#
_cell.length_a   60.873
_cell.length_b   66.415
_cell.length_c   105.692
_cell.angle_alpha   90.0
_cell.angle_beta   90.0
_cell.angle_gamma   90.0
#
_symmetry.space_group_name_H-M   'P 21 21 21'
#
loop_
_entity.id
_entity.type
_entity.pdbx_description
1 polymer 'Chitinase-3-like protein 1'
2 branched alpha-D-mannopyranose-(1-4)-[alpha-D-mannopyranose-(1-6)]alpha-D-mannopyranose-(1-4)-2-acetamido-2-deoxy-beta-D-glucopyranose-(1-4)-2-acetamido-2-deoxy-beta-D-glucopyranose
3 non-polymer (4S)-2-METHYL-2,4-PENTANEDIOL
4 non-polymer ETHANOL
5 water water
#
_entity_poly.entity_id   1
_entity_poly.type   'polypeptide(L)'
_entity_poly.pdbx_seq_one_letter_code
;YKLICYYTSWSQYREGDGSCFPDAIDPFLCTHVIYTFANISNNEIDTWEWNDVTLYDTLNTLKNRNPKLKTLLSVGGWNF
GPERFSKIASKTQSRRTFIKSVPPFLRTHGFDGLDLAWLYPGRRDKRHLTTLVKEMKAEFIREAQAGTEQLLLSAAVSAG
KIAIDRGYDIAQISRHLDFISLLTYDFHGAWRQTVGHHSPLFRGNEDASSRFSNADYAVSYMLRLGAPANKLVMGIPTFG
RSFTLASSKTDVGAPVSGPGIPGRFTKEKGILAYYEICDFLHGATTHRFRDQQVPYATKGNQWVAYDDQESVKNKARYLK
NRQLAGAMVWALDLDDFRGTFCGQNLTFPLTSAVKDVLAEA
;
_entity_poly.pdbx_strand_id   A
#
# COMPACT_ATOMS: atom_id res chain seq x y z
N TYR A 1 -2.68 -8.55 -15.88
CA TYR A 1 -2.63 -7.51 -14.79
C TYR A 1 -1.82 -8.01 -13.63
N LYS A 2 -1.21 -7.09 -12.90
CA LYS A 2 -0.52 -7.44 -11.66
C LYS A 2 -1.49 -7.23 -10.49
N LEU A 3 -1.36 -8.05 -9.47
CA LEU A 3 -2.09 -7.86 -8.22
C LEU A 3 -0.99 -7.96 -7.15
N ILE A 4 -0.56 -6.78 -6.69
CA ILE A 4 0.56 -6.63 -5.76
C ILE A 4 -0.02 -6.51 -4.37
N CYS A 5 0.41 -7.35 -3.45
CA CYS A 5 -0.19 -7.38 -2.13
C CYS A 5 0.84 -7.30 -1.02
N TYR A 6 0.66 -6.35 -0.10
CA TYR A 6 1.59 -6.24 1.03
C TYR A 6 1.19 -7.12 2.19
N TYR A 7 2.21 -7.66 2.86
CA TYR A 7 2.01 -8.35 4.13
C TYR A 7 2.89 -7.60 5.12
N THR A 8 2.37 -7.30 6.32
CA THR A 8 3.18 -6.52 7.30
C THR A 8 3.67 -7.40 8.44
N SER A 9 4.96 -7.28 8.73
CA SER A 9 5.60 -8.16 9.70
C SER A 9 5.09 -8.00 11.11
N TRP A 10 4.49 -6.85 11.41
CA TRP A 10 4.01 -6.62 12.77
C TRP A 10 2.62 -7.18 13.02
N SER A 11 1.96 -7.62 11.96
CA SER A 11 0.63 -8.22 12.12
C SER A 11 0.64 -9.54 12.89
N GLN A 12 1.79 -10.20 12.91
CA GLN A 12 1.92 -11.45 13.67
C GLN A 12 1.58 -11.27 15.15
N TYR A 13 1.73 -10.05 15.67
CA TYR A 13 1.61 -9.81 17.13
C TYR A 13 0.21 -9.52 17.60
N ARG A 14 -0.70 -9.34 16.66
CA ARG A 14 -2.06 -9.01 17.05
C ARG A 14 -2.69 -10.12 17.87
N GLU A 15 -3.54 -9.70 18.81
CA GLU A 15 -4.24 -10.59 19.71
C GLU A 15 -5.19 -11.55 18.98
N GLY A 16 -5.20 -12.80 19.43
CA GLY A 16 -6.10 -13.81 18.90
C GLY A 16 -6.21 -13.88 17.39
N ASP A 17 -7.46 -13.81 16.88
CA ASP A 17 -7.71 -13.89 15.45
C ASP A 17 -7.06 -12.77 14.63
N GLY A 18 -6.63 -11.71 15.28
CA GLY A 18 -5.91 -10.63 14.57
C GLY A 18 -4.53 -11.10 14.10
N SER A 19 -3.95 -12.06 14.81
CA SER A 19 -2.60 -12.54 14.47
C SER A 19 -2.55 -13.10 13.06
N CYS A 20 -1.59 -12.61 12.27
CA CYS A 20 -1.44 -13.03 10.86
C CYS A 20 0.03 -13.35 10.54
N PHE A 21 0.29 -14.60 10.11
CA PHE A 21 1.61 -15.06 9.69
C PHE A 21 1.49 -15.34 8.19
N PRO A 22 2.62 -15.35 7.47
CA PRO A 22 2.57 -15.49 6.01
C PRO A 22 1.91 -16.77 5.48
N ASP A 23 1.85 -17.82 6.28
CA ASP A 23 1.15 -19.02 5.81
C ASP A 23 -0.37 -18.86 5.78
N ALA A 24 -0.87 -17.72 6.24
CA ALA A 24 -2.30 -17.42 6.09
C ALA A 24 -2.56 -16.93 4.67
N ILE A 25 -1.50 -16.64 3.92
CA ILE A 25 -1.71 -16.08 2.59
C ILE A 25 -1.99 -17.17 1.54
N ASP A 26 -3.08 -17.01 0.79
CA ASP A 26 -3.40 -17.91 -0.32
C ASP A 26 -2.36 -17.72 -1.41
N PRO A 27 -1.60 -18.76 -1.76
CA PRO A 27 -0.50 -18.59 -2.72
C PRO A 27 -0.95 -18.18 -4.09
N PHE A 28 -2.22 -18.40 -4.42
CA PHE A 28 -2.69 -18.03 -5.74
C PHE A 28 -3.50 -16.74 -5.79
N LEU A 29 -3.62 -16.04 -4.66
CA LEU A 29 -4.42 -14.81 -4.58
C LEU A 29 -3.78 -13.67 -5.33
N CYS A 30 -2.50 -13.40 -5.06
CA CYS A 30 -1.82 -12.28 -5.71
C CYS A 30 -0.73 -12.75 -6.65
N THR A 31 -0.29 -11.87 -7.54
CA THR A 31 0.82 -12.18 -8.45
C THR A 31 2.14 -11.85 -7.77
N HIS A 32 2.12 -10.87 -6.87
CA HIS A 32 3.33 -10.41 -6.16
C HIS A 32 2.95 -10.16 -4.71
N VAL A 33 3.71 -10.72 -3.77
CA VAL A 33 3.48 -10.36 -2.37
C VAL A 33 4.73 -9.63 -1.88
N ILE A 34 4.51 -8.50 -1.22
CA ILE A 34 5.62 -7.65 -0.74
C ILE A 34 5.62 -7.70 0.77
N TYR A 35 6.74 -8.13 1.34
CA TYR A 35 6.91 -8.21 2.78
C TYR A 35 7.40 -6.86 3.28
N THR A 36 6.76 -6.30 4.31
CA THR A 36 7.14 -5.00 4.84
C THR A 36 7.35 -5.03 6.36
N PHE A 37 8.40 -4.38 6.89
CA PHE A 37 9.43 -3.66 6.14
C PHE A 37 10.78 -4.13 6.61
N ALA A 38 11.78 -3.95 5.74
CA ALA A 38 13.16 -4.19 6.09
C ALA A 38 13.76 -2.94 6.70
N ASN A 39 14.80 -3.13 7.52
CA ASN A 39 15.52 -2.02 8.11
C ASN A 39 16.71 -1.65 7.21
N ILE A 40 17.36 -0.53 7.51
CA ILE A 40 18.68 -0.23 6.93
C ILE A 40 19.56 0.07 8.13
N SER A 41 20.65 -0.68 8.25
CA SER A 41 21.55 -0.58 9.38
C SER A 41 22.99 -0.67 8.85
N ASN A 42 23.84 0.24 9.31
CA ASN A 42 25.20 0.31 8.79
C ASN A 42 25.19 0.51 7.27
N ASN A 43 24.19 1.26 6.79
CA ASN A 43 23.96 1.57 5.38
C ASN A 43 23.68 0.33 4.51
N GLU A 44 23.26 -0.75 5.16
CA GLU A 44 22.95 -2.00 4.46
C GLU A 44 21.54 -2.48 4.78
N ILE A 45 20.87 -3.09 3.81
CA ILE A 45 19.55 -3.65 4.10
C ILE A 45 19.69 -4.70 5.22
N ASP A 46 18.65 -4.79 6.05
CA ASP A 46 18.70 -5.72 7.19
C ASP A 46 17.29 -6.12 7.64
N THR A 47 17.20 -7.14 8.50
CA THR A 47 15.93 -7.54 9.07
C THR A 47 15.46 -6.49 10.07
N TRP A 48 14.23 -6.64 10.53
CA TRP A 48 13.60 -5.68 11.45
C TRP A 48 13.08 -6.44 12.67
N GLU A 49 12.13 -7.35 12.47
CA GLU A 49 11.61 -8.20 13.55
C GLU A 49 12.62 -9.28 13.92
N TRP A 50 12.57 -9.69 15.19
CA TRP A 50 13.47 -10.74 15.67
C TRP A 50 13.41 -12.03 14.86
N ASN A 51 12.24 -12.33 14.28
CA ASN A 51 12.00 -13.58 13.59
C ASN A 51 11.83 -13.36 12.10
N ASP A 52 12.31 -12.23 11.58
CA ASP A 52 12.15 -12.02 10.13
C ASP A 52 12.72 -13.14 9.26
N VAL A 53 13.87 -13.70 9.61
CA VAL A 53 14.41 -14.76 8.74
C VAL A 53 13.40 -15.93 8.66
N THR A 54 12.76 -16.25 9.78
CA THR A 54 11.76 -17.30 9.77
C THR A 54 10.54 -16.92 8.91
N LEU A 55 10.04 -15.73 9.13
CA LEU A 55 8.84 -15.30 8.38
C LEU A 55 9.16 -15.15 6.90
N TYR A 56 10.38 -14.68 6.57
CA TYR A 56 10.75 -14.63 5.15
C TYR A 56 10.64 -16.05 4.52
N ASP A 57 11.07 -17.04 5.30
CA ASP A 57 11.07 -18.40 4.85
C ASP A 57 9.64 -18.89 4.72
N THR A 58 8.77 -18.53 5.67
CA THR A 58 7.37 -18.94 5.59
C THR A 58 6.72 -18.34 4.35
N LEU A 59 7.02 -17.06 4.09
CA LEU A 59 6.47 -16.42 2.88
C LEU A 59 6.98 -17.11 1.60
N ASN A 60 8.27 -17.34 1.55
N ASN A 60 8.30 -17.31 1.54
CA ASN A 60 8.80 -17.87 0.32
CA ASN A 60 8.99 -17.97 0.42
C ASN A 60 8.51 -19.37 0.09
C ASN A 60 8.39 -19.33 0.08
N THR A 61 8.02 -20.04 1.14
CA THR A 61 7.55 -21.42 1.02
C THR A 61 6.23 -21.45 0.23
N LEU A 62 5.53 -20.31 0.16
CA LEU A 62 4.32 -20.24 -0.66
C LEU A 62 4.60 -20.56 -2.13
N LYS A 63 5.84 -20.34 -2.57
CA LYS A 63 6.21 -20.60 -3.96
C LYS A 63 6.30 -22.11 -4.24
N ASN A 64 6.29 -22.92 -3.21
CA ASN A 64 6.25 -24.38 -3.41
C ASN A 64 4.92 -24.73 -4.06
N ARG A 65 3.87 -24.05 -3.60
CA ARG A 65 2.52 -24.30 -4.09
C ARG A 65 2.25 -23.51 -5.38
N ASN A 66 2.75 -22.26 -5.43
CA ASN A 66 2.61 -21.46 -6.62
C ASN A 66 3.99 -20.97 -7.08
N PRO A 67 4.68 -21.76 -7.88
CA PRO A 67 6.02 -21.37 -8.36
C PRO A 67 6.09 -20.07 -9.15
N LYS A 68 4.97 -19.58 -9.67
CA LYS A 68 4.94 -18.34 -10.42
C LYS A 68 4.85 -17.10 -9.52
N LEU A 69 4.50 -17.31 -8.26
CA LEU A 69 4.38 -16.16 -7.34
C LEU A 69 5.73 -15.44 -7.21
N LYS A 70 5.69 -14.10 -7.26
CA LYS A 70 6.88 -13.31 -7.03
C LYS A 70 6.81 -12.64 -5.68
N THR A 71 7.94 -12.57 -4.97
CA THR A 71 7.92 -11.87 -3.71
C THR A 71 8.92 -10.74 -3.76
N LEU A 72 8.63 -9.67 -3.05
CA LEU A 72 9.60 -8.57 -2.89
C LEU A 72 9.72 -8.19 -1.43
N LEU A 73 10.83 -7.54 -1.09
CA LEU A 73 11.04 -7.06 0.28
C LEU A 73 11.00 -5.54 0.21
N SER A 74 10.16 -4.91 1.03
CA SER A 74 10.02 -3.44 1.01
C SER A 74 10.91 -2.85 2.10
N VAL A 75 11.70 -1.87 1.73
CA VAL A 75 12.57 -1.21 2.68
C VAL A 75 12.02 0.19 2.98
N GLY A 76 12.01 0.54 4.27
CA GLY A 76 11.49 1.83 4.69
C GLY A 76 10.27 1.76 5.59
N GLY A 77 9.19 2.41 5.16
CA GLY A 77 7.98 2.53 5.98
C GLY A 77 8.02 3.76 6.90
N TRP A 78 6.99 3.97 7.72
CA TRP A 78 6.92 5.16 8.60
C TRP A 78 7.75 5.05 9.88
N ASN A 79 7.93 3.83 10.39
CA ASN A 79 8.79 3.65 11.56
C ASN A 79 10.23 4.03 11.25
N PHE A 80 10.74 3.56 10.12
CA PHE A 80 11.99 4.02 9.56
C PHE A 80 11.76 5.50 9.20
N GLY A 81 12.50 6.44 9.77
CA GLY A 81 12.20 7.85 9.42
C GLY A 81 12.68 8.28 8.03
N PRO A 82 11.93 9.13 7.29
CA PRO A 82 12.39 9.53 5.94
C PRO A 82 13.77 10.17 5.98
N GLU A 83 14.11 10.74 7.13
CA GLU A 83 15.41 11.35 7.35
C GLU A 83 16.52 10.32 7.14
N ARG A 84 16.28 9.09 7.58
CA ARG A 84 17.25 8.01 7.38
C ARG A 84 17.49 7.72 5.89
N PHE A 85 16.42 7.65 5.10
CA PHE A 85 16.55 7.55 3.66
C PHE A 85 17.31 8.69 3.02
N SER A 86 17.03 9.93 3.44
N SER A 86 17.04 9.94 3.43
CA SER A 86 17.70 11.08 2.86
CA SER A 86 17.71 11.09 2.85
C SER A 86 19.21 11.02 3.03
C SER A 86 19.22 10.99 3.02
N LYS A 87 19.66 10.64 4.23
CA LYS A 87 21.08 10.54 4.56
C LYS A 87 21.77 9.54 3.67
N ILE A 88 21.15 8.38 3.49
CA ILE A 88 21.72 7.33 2.66
C ILE A 88 21.78 7.74 1.19
N ALA A 89 20.64 8.23 0.68
CA ALA A 89 20.53 8.55 -0.72
C ALA A 89 21.31 9.77 -1.19
N SER A 90 21.60 10.67 -0.25
N SER A 90 21.58 10.70 -0.27
CA SER A 90 22.21 11.97 -0.54
CA SER A 90 22.20 11.97 -0.64
C SER A 90 23.73 11.98 -0.68
C SER A 90 23.72 11.93 -0.84
N LYS A 91 24.35 10.85 -0.41
CA LYS A 91 25.79 10.72 -0.52
C LYS A 91 26.14 9.55 -1.41
N THR A 92 27.07 9.77 -2.34
CA THR A 92 27.49 8.74 -3.29
C THR A 92 27.94 7.45 -2.58
N GLN A 93 28.68 7.61 -1.49
CA GLN A 93 29.26 6.47 -0.79
C GLN A 93 28.22 5.63 -0.08
N SER A 94 27.31 6.27 0.65
CA SER A 94 26.32 5.53 1.42
C SER A 94 25.31 4.89 0.46
N ARG A 95 25.05 5.58 -0.65
CA ARG A 95 24.12 5.05 -1.64
C ARG A 95 24.69 3.76 -2.21
N ARG A 96 25.98 3.78 -2.53
CA ARG A 96 26.66 2.62 -3.09
C ARG A 96 26.65 1.46 -2.10
N THR A 97 26.99 1.74 -0.85
CA THR A 97 27.00 0.72 0.17
C THR A 97 25.66 0.02 0.25
N PHE A 98 24.62 0.83 0.25
CA PHE A 98 23.27 0.29 0.37
C PHE A 98 22.92 -0.55 -0.84
N ILE A 99 23.15 0.00 -2.02
CA ILE A 99 22.84 -0.72 -3.24
C ILE A 99 23.57 -2.07 -3.32
N LYS A 100 24.86 -2.05 -2.99
CA LYS A 100 25.65 -3.29 -3.08
C LYS A 100 25.10 -4.36 -2.14
N SER A 101 24.51 -3.94 -1.02
CA SER A 101 24.10 -4.88 0.00
C SER A 101 22.80 -5.58 -0.40
N VAL A 102 22.06 -4.98 -1.33
CA VAL A 102 20.70 -5.47 -1.58
C VAL A 102 20.61 -6.85 -2.27
N PRO A 103 21.21 -7.04 -3.43
CA PRO A 103 21.05 -8.34 -4.11
C PRO A 103 21.44 -9.54 -3.27
N PRO A 104 22.61 -9.55 -2.61
CA PRO A 104 22.94 -10.75 -1.83
C PRO A 104 21.94 -11.05 -0.73
N PHE A 105 21.40 -10.02 -0.09
CA PHE A 105 20.43 -10.21 0.97
C PHE A 105 19.14 -10.79 0.38
N LEU A 106 18.69 -10.23 -0.74
CA LEU A 106 17.46 -10.76 -1.34
C LEU A 106 17.64 -12.20 -1.76
N ARG A 107 18.78 -12.51 -2.38
CA ARG A 107 19.02 -13.90 -2.83
C ARG A 107 19.08 -14.86 -1.65
N THR A 108 19.75 -14.46 -0.58
CA THR A 108 19.82 -15.32 0.61
C THR A 108 18.43 -15.69 1.11
N HIS A 109 17.54 -14.72 1.09
CA HIS A 109 16.21 -14.90 1.69
C HIS A 109 15.10 -15.26 0.73
N GLY A 110 15.47 -15.45 -0.53
CA GLY A 110 14.55 -15.98 -1.52
C GLY A 110 13.60 -14.97 -2.14
N PHE A 111 13.92 -13.69 -1.99
CA PHE A 111 13.10 -12.66 -2.63
C PHE A 111 13.43 -12.42 -4.10
N ASP A 112 12.40 -12.06 -4.89
CA ASP A 112 12.54 -11.76 -6.29
C ASP A 112 12.77 -10.27 -6.58
N GLY A 113 12.73 -9.43 -5.54
CA GLY A 113 12.97 -8.02 -5.82
C GLY A 113 12.92 -7.16 -4.57
N LEU A 114 13.15 -5.87 -4.80
CA LEU A 114 13.11 -4.85 -3.74
C LEU A 114 12.04 -3.82 -4.05
N ASP A 115 11.29 -3.43 -3.01
CA ASP A 115 10.35 -2.34 -3.12
C ASP A 115 10.87 -1.21 -2.27
N LEU A 116 10.88 -0.02 -2.83
CA LEU A 116 11.32 1.17 -2.09
C LEU A 116 10.10 1.89 -1.51
N ALA A 117 10.03 1.98 -0.18
CA ALA A 117 8.93 2.68 0.50
C ALA A 117 9.49 3.84 1.34
N TRP A 118 10.01 4.83 0.63
CA TRP A 118 10.51 6.04 1.30
C TRP A 118 9.30 6.94 1.52
N LEU A 119 8.97 7.18 2.78
CA LEU A 119 7.76 7.91 3.11
C LEU A 119 8.10 9.16 3.90
N TYR A 120 8.40 10.29 3.25
CA TYR A 120 8.37 10.55 1.80
C TYR A 120 9.55 11.45 1.46
N PRO A 121 10.02 11.39 0.23
CA PRO A 121 11.09 12.30 -0.22
C PRO A 121 10.61 13.73 -0.26
N GLY A 122 11.46 14.61 0.22
CA GLY A 122 11.18 16.04 0.18
C GLY A 122 11.84 16.66 -1.04
N ARG A 123 11.68 18.00 -1.14
CA ARG A 123 12.25 18.78 -2.23
C ARG A 123 13.76 18.54 -2.39
N ARG A 124 14.47 18.50 -1.27
CA ARG A 124 15.91 18.30 -1.28
C ARG A 124 16.30 16.88 -1.70
N ASP A 125 15.32 15.97 -1.64
CA ASP A 125 15.59 14.55 -1.95
C ASP A 125 15.29 14.11 -3.37
N LYS A 126 14.57 14.91 -4.14
CA LYS A 126 14.10 14.47 -5.45
C LYS A 126 15.20 13.91 -6.34
N ARG A 127 16.29 14.64 -6.49
CA ARG A 127 17.33 14.18 -7.40
C ARG A 127 18.07 12.96 -6.84
N HIS A 128 18.11 12.84 -5.53
CA HIS A 128 18.78 11.72 -4.89
C HIS A 128 17.94 10.42 -5.02
N LEU A 129 16.63 10.56 -4.97
CA LEU A 129 15.76 9.39 -5.22
C LEU A 129 15.96 8.92 -6.66
N THR A 130 16.05 9.86 -7.61
CA THR A 130 16.28 9.46 -8.97
C THR A 130 17.59 8.68 -9.10
N THR A 131 18.65 9.20 -8.49
CA THR A 131 19.91 8.45 -8.57
C THR A 131 19.86 7.12 -7.87
N LEU A 132 19.20 7.06 -6.71
CA LEU A 132 19.02 5.76 -6.03
C LEU A 132 18.30 4.72 -6.89
N VAL A 133 17.20 5.13 -7.54
CA VAL A 133 16.44 4.21 -8.38
C VAL A 133 17.27 3.78 -9.61
N LYS A 134 17.90 4.75 -10.26
CA LYS A 134 18.69 4.42 -11.44
C LYS A 134 19.86 3.48 -11.09
N GLU A 135 20.57 3.82 -10.02
CA GLU A 135 21.73 3.04 -9.64
C GLU A 135 21.35 1.65 -9.11
N MET A 136 20.23 1.58 -8.38
CA MET A 136 19.78 0.28 -7.89
C MET A 136 19.43 -0.61 -9.08
N LYS A 137 18.71 -0.05 -10.05
CA LYS A 137 18.35 -0.83 -11.21
C LYS A 137 19.61 -1.29 -11.97
N ALA A 138 20.59 -0.40 -12.09
CA ALA A 138 21.83 -0.75 -12.77
C ALA A 138 22.53 -1.93 -12.07
N GLU A 139 22.50 -1.94 -10.74
CA GLU A 139 23.08 -3.04 -9.97
C GLU A 139 22.29 -4.36 -10.21
N PHE A 140 20.97 -4.28 -10.29
CA PHE A 140 20.17 -5.48 -10.55
C PHE A 140 20.47 -6.02 -11.95
N ILE A 141 20.68 -5.13 -12.90
CA ILE A 141 21.07 -5.54 -14.25
C ILE A 141 22.41 -6.28 -14.18
N ARG A 142 23.38 -5.74 -13.45
CA ARG A 142 24.68 -6.42 -13.29
C ARG A 142 24.52 -7.79 -12.65
N GLU A 143 23.73 -7.86 -11.59
CA GLU A 143 23.63 -9.09 -10.86
C GLU A 143 23.00 -10.21 -11.68
N ALA A 144 22.12 -9.86 -12.60
CA ALA A 144 21.45 -10.85 -13.42
C ALA A 144 22.47 -11.58 -14.30
N GLN A 145 23.64 -11.00 -14.51
CA GLN A 145 24.62 -11.68 -15.39
C GLN A 145 25.08 -13.00 -14.80
N ALA A 146 24.92 -13.15 -13.48
CA ALA A 146 25.36 -14.36 -12.79
C ALA A 146 24.41 -15.57 -12.97
N GLY A 147 23.34 -15.37 -13.72
CA GLY A 147 22.50 -16.44 -14.19
C GLY A 147 21.08 -16.57 -13.67
N THR A 148 20.75 -15.80 -12.65
CA THR A 148 19.44 -15.91 -12.03
C THR A 148 18.57 -14.77 -12.53
N GLU A 149 17.29 -15.05 -12.73
CA GLU A 149 16.35 -14.06 -13.24
C GLU A 149 16.50 -12.72 -12.51
N GLN A 150 16.59 -11.65 -13.30
CA GLN A 150 16.83 -10.32 -12.75
C GLN A 150 15.87 -9.90 -11.64
N LEU A 151 16.43 -9.35 -10.58
CA LEU A 151 15.62 -8.81 -9.49
C LEU A 151 14.75 -7.70 -9.99
N LEU A 152 13.53 -7.65 -9.45
CA LEU A 152 12.58 -6.59 -9.74
C LEU A 152 12.81 -5.41 -8.80
N LEU A 153 12.46 -4.22 -9.27
CA LEU A 153 12.57 -3.01 -8.44
C LEU A 153 11.27 -2.25 -8.55
N SER A 154 10.63 -2.00 -7.41
CA SER A 154 9.39 -1.24 -7.40
C SER A 154 9.49 -0.11 -6.38
N ALA A 155 8.50 0.78 -6.41
CA ALA A 155 8.44 1.82 -5.36
C ALA A 155 6.99 2.11 -5.05
N ALA A 156 6.73 2.40 -3.78
CA ALA A 156 5.42 2.88 -3.31
C ALA A 156 5.54 4.39 -3.29
N VAL A 157 4.64 5.05 -4.02
CA VAL A 157 4.71 6.50 -4.27
C VAL A 157 3.47 7.24 -3.78
N SER A 158 3.68 8.39 -3.16
CA SER A 158 2.57 9.23 -2.77
C SER A 158 1.57 9.46 -3.89
N ALA A 159 0.28 9.53 -3.55
CA ALA A 159 -0.75 9.87 -4.53
C ALA A 159 -1.22 11.31 -4.35
N GLY A 160 -0.57 12.05 -3.44
CA GLY A 160 -0.96 13.44 -3.21
C GLY A 160 -0.19 14.38 -4.14
N LYS A 161 -0.90 15.23 -4.86
CA LYS A 161 -0.26 16.11 -5.83
C LYS A 161 0.92 16.89 -5.27
N ILE A 162 0.73 17.54 -4.14
CA ILE A 162 1.78 18.33 -3.55
C ILE A 162 3.01 17.47 -3.23
N ALA A 163 2.79 16.32 -2.60
CA ALA A 163 3.88 15.41 -2.29
C ALA A 163 4.58 14.89 -3.53
N ILE A 164 3.81 14.60 -4.59
CA ILE A 164 4.37 14.16 -5.86
C ILE A 164 5.30 15.24 -6.47
N ASP A 165 4.80 16.46 -6.56
CA ASP A 165 5.60 17.54 -7.12
C ASP A 165 6.86 17.79 -6.31
N ARG A 166 6.75 17.67 -5.00
CA ARG A 166 7.82 18.00 -4.05
C ARG A 166 8.97 17.02 -4.17
N GLY A 167 8.64 15.72 -4.19
CA GLY A 167 9.67 14.72 -3.99
C GLY A 167 10.09 13.76 -5.09
N TYR A 168 9.36 13.73 -6.20
CA TYR A 168 9.63 12.71 -7.20
C TYR A 168 9.81 13.20 -8.63
N ASP A 169 10.80 12.63 -9.30
CA ASP A 169 10.94 12.87 -10.74
C ASP A 169 10.29 11.67 -11.42
N ILE A 170 8.96 11.76 -11.61
CA ILE A 170 8.18 10.63 -12.11
C ILE A 170 8.64 10.15 -13.50
N ALA A 171 8.93 11.08 -14.39
CA ALA A 171 9.37 10.69 -15.71
C ALA A 171 10.66 9.88 -15.67
N GLN A 172 11.59 10.28 -14.82
CA GLN A 172 12.83 9.56 -14.71
C GLN A 172 12.70 8.25 -13.95
N ILE A 173 12.09 8.26 -12.76
CA ILE A 173 12.07 6.99 -12.01
C ILE A 173 11.24 5.91 -12.69
N SER A 174 10.23 6.33 -13.45
CA SER A 174 9.38 5.37 -14.16
C SER A 174 10.16 4.56 -15.18
N ARG A 175 11.25 5.12 -15.70
CA ARG A 175 12.04 4.40 -16.68
C ARG A 175 12.70 3.17 -16.08
N HIS A 176 13.07 3.27 -14.82
CA HIS A 176 13.89 2.26 -14.17
C HIS A 176 13.12 1.31 -13.27
N LEU A 177 11.96 1.75 -12.79
CA LEU A 177 11.15 0.88 -11.94
C LEU A 177 10.34 -0.13 -12.76
N ASP A 178 10.18 -1.33 -12.24
CA ASP A 178 9.35 -2.31 -12.93
C ASP A 178 7.87 -2.03 -12.71
N PHE A 179 7.53 -1.48 -11.54
CA PHE A 179 6.18 -0.93 -11.33
C PHE A 179 6.23 0.11 -10.25
N ILE A 180 5.26 1.03 -10.29
CA ILE A 180 5.06 2.05 -9.26
C ILE A 180 3.71 1.80 -8.61
N SER A 181 3.70 1.62 -7.30
CA SER A 181 2.43 1.44 -6.57
C SER A 181 1.97 2.80 -6.01
N LEU A 182 0.85 3.32 -6.52
CA LEU A 182 0.35 4.62 -6.07
C LEU A 182 -0.45 4.44 -4.83
N LEU A 183 -0.14 5.25 -3.83
CA LEU A 183 -0.76 5.14 -2.50
C LEU A 183 -2.08 5.92 -2.47
N THR A 184 -3.01 5.49 -3.32
CA THR A 184 -4.29 6.17 -3.54
C THR A 184 -5.33 5.92 -2.44
N TYR A 185 -4.93 6.16 -1.20
CA TYR A 185 -5.82 5.94 -0.07
C TYR A 185 -5.44 6.77 1.14
N ASP A 186 -4.83 7.94 0.89
CA ASP A 186 -4.44 8.85 1.99
C ASP A 186 -4.91 10.28 1.69
N PHE A 187 -6.14 10.36 1.22
CA PHE A 187 -6.70 11.60 0.72
C PHE A 187 -7.46 12.46 1.72
N HIS A 188 -7.60 12.03 2.96
CA HIS A 188 -8.32 12.88 3.91
C HIS A 188 -7.32 13.62 4.80
N GLY A 189 -7.27 14.93 4.65
CA GLY A 189 -6.32 15.76 5.36
C GLY A 189 -6.39 15.65 6.86
N ALA A 190 -5.22 15.43 7.47
CA ALA A 190 -5.06 15.28 8.93
C ALA A 190 -5.37 16.56 9.71
N TRP A 191 -5.58 17.65 8.99
CA TRP A 191 -5.95 18.93 9.60
C TRP A 191 -7.46 19.06 9.69
N ARG A 192 -8.17 18.31 8.87
CA ARG A 192 -9.62 18.45 8.75
C ARG A 192 -10.37 18.10 10.02
N GLN A 193 -11.32 18.95 10.37
CA GLN A 193 -12.13 18.71 11.56
C GLN A 193 -13.52 18.25 11.17
N THR A 194 -13.65 17.69 9.98
CA THR A 194 -14.89 17.03 9.57
C THR A 194 -14.57 15.60 9.13
N VAL A 195 -15.59 14.76 9.10
CA VAL A 195 -15.50 13.45 8.48
C VAL A 195 -15.15 13.62 7.00
N GLY A 196 -14.66 12.56 6.39
CA GLY A 196 -14.36 12.59 4.97
C GLY A 196 -13.74 11.26 4.57
N HIS A 197 -13.70 10.98 3.27
CA HIS A 197 -13.16 9.71 2.79
C HIS A 197 -11.72 9.84 2.34
N HIS A 198 -10.91 8.84 2.72
CA HIS A 198 -9.48 8.84 2.41
C HIS A 198 -9.19 8.13 1.09
N SER A 199 -10.16 7.42 0.53
CA SER A 199 -9.87 6.72 -0.73
C SER A 199 -10.92 6.91 -1.82
N PRO A 200 -11.43 8.12 -2.00
CA PRO A 200 -12.48 8.29 -3.03
C PRO A 200 -11.89 8.14 -4.43
N LEU A 201 -12.66 7.59 -5.34
CA LEU A 201 -12.18 7.48 -6.72
C LEU A 201 -12.26 8.83 -7.44
N PHE A 202 -13.35 9.57 -7.21
CA PHE A 202 -13.57 10.89 -7.81
C PHE A 202 -13.85 11.94 -6.75
N ARG A 203 -13.83 13.22 -7.15
CA ARG A 203 -14.11 14.28 -6.18
C ARG A 203 -15.55 14.27 -5.70
N GLY A 204 -15.76 14.84 -4.52
CA GLY A 204 -17.10 14.96 -3.94
C GLY A 204 -17.87 16.18 -4.45
N ASN A 205 -19.19 16.14 -4.32
CA ASN A 205 -20.08 17.19 -4.81
C ASN A 205 -19.68 18.62 -4.31
N GLU A 206 -19.55 18.83 -2.97
CA GLU A 206 -19.19 20.22 -2.42
C GLU A 206 -18.06 20.28 -1.35
N ASP A 207 -17.39 21.44 -1.23
CA ASP A 207 -16.38 21.71 -0.22
C ASP A 207 -15.21 20.66 -0.19
N ALA A 208 -14.86 20.02 -1.31
CA ALA A 208 -13.74 19.05 -1.30
C ALA A 208 -12.45 19.86 -0.99
N SER A 209 -11.33 19.25 -0.53
CA SER A 209 -10.14 20.07 -0.39
C SER A 209 -9.68 20.28 -1.80
N SER A 210 -9.03 19.40 -2.38
CA SER A 210 -8.61 19.76 -3.70
C SER A 210 -9.28 18.89 -4.72
N ARG A 211 -9.56 19.36 -5.90
CA ARG A 211 -10.10 18.46 -6.88
C ARG A 211 -8.95 17.53 -7.19
N PHE A 212 -8.02 17.49 -6.24
CA PHE A 212 -6.83 16.70 -6.42
C PHE A 212 -6.84 15.51 -5.50
N SER A 213 -7.68 15.55 -4.47
CA SER A 213 -7.60 14.51 -3.43
C SER A 213 -8.47 13.30 -3.70
N ASN A 214 -8.18 12.63 -4.81
CA ASN A 214 -8.95 11.47 -5.23
C ASN A 214 -8.11 10.62 -6.15
N ALA A 215 -8.45 9.33 -6.26
CA ALA A 215 -7.59 8.41 -7.01
C ALA A 215 -7.50 8.76 -8.49
N ASP A 216 -8.62 9.18 -9.08
CA ASP A 216 -8.62 9.51 -10.51
C ASP A 216 -7.67 10.65 -10.78
N TYR A 217 -7.65 11.68 -9.93
CA TYR A 217 -6.73 12.79 -10.17
C TYR A 217 -5.27 12.28 -10.16
N ALA A 218 -4.94 11.47 -9.15
CA ALA A 218 -3.59 10.96 -8.99
C ALA A 218 -3.14 10.13 -10.19
N VAL A 219 -4.02 9.25 -10.65
CA VAL A 219 -3.72 8.42 -11.81
C VAL A 219 -3.48 9.30 -13.02
N SER A 220 -4.41 10.22 -13.28
CA SER A 220 -4.21 11.11 -14.42
C SER A 220 -2.94 11.91 -14.35
N TYR A 221 -2.61 12.38 -13.15
CA TYR A 221 -1.45 13.22 -12.94
C TYR A 221 -0.18 12.41 -13.23
N MET A 222 -0.12 11.17 -12.74
CA MET A 222 1.06 10.36 -13.00
C MET A 222 1.26 10.10 -14.49
N LEU A 223 0.17 9.84 -15.20
CA LEU A 223 0.26 9.63 -16.65
C LEU A 223 0.75 10.91 -17.30
N ARG A 224 0.24 12.05 -16.83
CA ARG A 224 0.62 13.34 -17.39
C ARG A 224 2.09 13.64 -17.16
N LEU A 225 2.60 13.22 -15.99
CA LEU A 225 4.02 13.39 -15.68
C LEU A 225 4.93 12.43 -16.40
N GLY A 226 4.39 11.48 -17.13
CA GLY A 226 5.21 10.59 -17.91
C GLY A 226 5.38 9.18 -17.42
N ALA A 227 4.67 8.79 -16.37
CA ALA A 227 4.66 7.37 -16.00
C ALA A 227 3.84 6.62 -17.04
N PRO A 228 4.40 5.61 -17.68
CA PRO A 228 3.62 4.81 -18.63
C PRO A 228 2.52 4.08 -17.86
N ALA A 229 1.36 3.92 -18.49
CA ALA A 229 0.27 3.19 -17.87
C ALA A 229 0.70 1.80 -17.45
N ASN A 230 1.56 1.16 -18.25
CA ASN A 230 1.96 -0.20 -17.99
C ASN A 230 2.98 -0.32 -16.85
N LYS A 231 3.31 0.81 -16.23
CA LYS A 231 4.20 0.83 -15.05
C LYS A 231 3.38 1.21 -13.80
N LEU A 232 2.13 1.64 -13.96
CA LEU A 232 1.38 2.15 -12.80
C LEU A 232 0.44 1.14 -12.21
N VAL A 233 0.46 1.02 -10.88
CA VAL A 233 -0.41 0.10 -10.19
C VAL A 233 -1.23 0.92 -9.20
N MET A 234 -2.55 0.75 -9.20
CA MET A 234 -3.37 1.63 -8.35
C MET A 234 -3.61 1.00 -6.99
N GLY A 235 -3.27 1.73 -5.92
CA GLY A 235 -3.47 1.19 -4.57
C GLY A 235 -4.93 1.18 -4.09
N ILE A 236 -5.31 0.11 -3.43
CA ILE A 236 -6.66 -0.08 -2.91
C ILE A 236 -6.46 -0.55 -1.48
N PRO A 237 -7.09 0.11 -0.50
CA PRO A 237 -6.93 -0.31 0.90
C PRO A 237 -7.91 -1.37 1.35
N THR A 238 -7.45 -2.24 2.23
CA THR A 238 -8.36 -3.14 2.92
C THR A 238 -8.54 -2.73 4.37
N PHE A 239 -8.18 -1.52 4.72
CA PHE A 239 -8.48 -0.98 6.03
C PHE A 239 -9.40 0.20 5.78
N GLY A 240 -10.05 0.69 6.83
CA GLY A 240 -10.81 1.92 6.77
C GLY A 240 -10.27 2.92 7.78
N ARG A 241 -10.82 4.12 7.75
CA ARG A 241 -10.41 5.17 8.69
C ARG A 241 -11.63 5.61 9.49
N SER A 242 -11.40 5.93 10.77
CA SER A 242 -12.50 6.19 11.69
C SER A 242 -12.35 7.54 12.36
N PHE A 243 -13.48 8.09 12.78
CA PHE A 243 -13.53 9.36 13.48
C PHE A 243 -14.51 9.22 14.61
N THR A 244 -14.28 10.02 15.64
CA THR A 244 -15.29 10.24 16.71
C THR A 244 -16.05 11.51 16.33
N LEU A 245 -17.36 11.38 16.23
CA LEU A 245 -18.25 12.48 15.84
C LEU A 245 -18.39 13.47 17.00
N ALA A 246 -18.43 14.76 16.67
CA ALA A 246 -18.60 15.79 17.69
C ALA A 246 -20.06 16.20 17.85
N SER A 247 -20.94 15.66 17.03
CA SER A 247 -22.37 15.98 17.07
C SER A 247 -23.19 14.85 16.44
N SER A 248 -24.54 14.99 16.43
CA SER A 248 -25.38 13.91 15.88
C SER A 248 -25.31 13.80 14.36
N LYS A 249 -24.78 14.83 13.71
CA LYS A 249 -24.65 14.89 12.26
C LYS A 249 -23.65 13.82 11.75
N THR A 250 -24.01 13.13 10.67
CA THR A 250 -23.15 12.08 10.10
C THR A 250 -22.85 12.17 8.57
N ASP A 251 -23.64 12.97 7.83
CA ASP A 251 -23.43 13.20 6.37
C ASP A 251 -22.34 14.22 6.07
N VAL A 252 -21.99 14.43 4.77
CA VAL A 252 -20.91 15.36 4.34
C VAL A 252 -20.76 16.62 5.22
N GLY A 253 -19.53 16.80 5.70
CA GLY A 253 -19.12 17.95 6.51
C GLY A 253 -19.33 17.79 8.02
N ALA A 254 -19.81 16.62 8.46
CA ALA A 254 -20.06 16.40 9.88
C ALA A 254 -18.80 16.63 10.72
N PRO A 255 -18.91 17.45 11.77
CA PRO A 255 -17.75 17.77 12.58
C PRO A 255 -17.31 16.56 13.41
N VAL A 256 -16.01 16.49 13.66
CA VAL A 256 -15.43 15.41 14.45
C VAL A 256 -14.58 15.97 15.56
N SER A 257 -14.40 15.20 16.62
CA SER A 257 -13.57 15.60 17.74
C SER A 257 -12.18 14.97 17.68
N GLY A 258 -12.00 13.98 16.80
CA GLY A 258 -10.73 13.32 16.68
C GLY A 258 -10.93 11.98 15.97
N PRO A 259 -9.91 11.15 15.97
CA PRO A 259 -10.02 9.84 15.34
C PRO A 259 -10.97 8.95 16.12
N GLY A 260 -11.38 7.88 15.46
CA GLY A 260 -12.27 6.92 16.08
C GLY A 260 -11.54 6.07 17.11
N ILE A 261 -12.31 5.41 17.97
CA ILE A 261 -11.69 4.55 18.98
C ILE A 261 -10.97 3.38 18.33
N PRO A 262 -9.92 2.88 18.95
CA PRO A 262 -9.20 1.78 18.30
C PRO A 262 -10.03 0.52 18.12
N GLY A 263 -9.69 -0.24 17.09
CA GLY A 263 -10.23 -1.57 16.89
C GLY A 263 -9.67 -2.53 17.93
N ARG A 264 -10.48 -3.53 18.26
CA ARG A 264 -10.10 -4.56 19.24
C ARG A 264 -8.80 -5.27 18.88
N PHE A 265 -8.60 -5.48 17.58
CA PHE A 265 -7.42 -6.21 17.13
C PHE A 265 -6.26 -5.34 16.66
N THR A 266 -6.57 -4.28 15.91
CA THR A 266 -5.49 -3.47 15.36
C THR A 266 -4.98 -2.42 16.35
N LYS A 267 -5.82 -2.07 17.32
CA LYS A 267 -5.41 -1.22 18.43
C LYS A 267 -4.69 0.07 18.03
N GLU A 268 -5.27 0.80 17.10
CA GLU A 268 -4.68 2.07 16.66
C GLU A 268 -5.81 3.04 16.37
N LYS A 269 -5.91 4.12 17.13
CA LYS A 269 -6.99 5.06 16.87
C LYS A 269 -6.95 5.57 15.44
N GLY A 270 -8.13 5.70 14.84
CA GLY A 270 -8.24 6.25 13.51
C GLY A 270 -8.22 5.24 12.38
N ILE A 271 -7.87 3.99 12.69
CA ILE A 271 -7.84 2.95 11.66
C ILE A 271 -8.53 1.67 12.11
N LEU A 272 -9.16 0.99 11.15
CA LEU A 272 -9.76 -0.32 11.43
C LEU A 272 -9.45 -1.29 10.28
N ALA A 273 -9.17 -2.54 10.61
CA ALA A 273 -9.03 -3.55 9.55
C ALA A 273 -10.40 -3.84 8.94
N TYR A 274 -10.43 -4.32 7.70
CA TYR A 274 -11.71 -4.69 7.10
C TYR A 274 -12.46 -5.72 7.93
N TYR A 275 -11.75 -6.69 8.51
CA TYR A 275 -12.43 -7.68 9.33
C TYR A 275 -13.08 -7.02 10.54
N GLU A 276 -12.46 -5.98 11.07
CA GLU A 276 -13.08 -5.22 12.17
C GLU A 276 -14.28 -4.41 11.70
N ILE A 277 -14.19 -3.87 10.49
CA ILE A 277 -15.31 -3.11 9.92
C ILE A 277 -16.51 -4.01 9.67
N CYS A 278 -16.25 -5.22 9.18
CA CYS A 278 -17.37 -6.16 8.94
C CYS A 278 -18.17 -6.36 10.22
N ASP A 279 -17.47 -6.49 11.33
CA ASP A 279 -18.18 -6.62 12.59
C ASP A 279 -18.84 -5.31 12.98
N PHE A 280 -18.16 -4.20 12.77
CA PHE A 280 -18.70 -2.87 13.09
C PHE A 280 -20.06 -2.67 12.39
N LEU A 281 -20.20 -3.22 11.20
CA LEU A 281 -21.40 -2.97 10.40
C LEU A 281 -22.67 -3.51 11.08
N HIS A 282 -22.54 -4.43 12.03
CA HIS A 282 -23.71 -4.96 12.73
C HIS A 282 -24.22 -3.82 13.60
N GLY A 283 -25.43 -3.36 13.30
CA GLY A 283 -26.01 -2.27 14.05
C GLY A 283 -25.69 -0.90 13.52
N ALA A 284 -24.90 -0.83 12.46
CA ALA A 284 -24.52 0.45 11.87
C ALA A 284 -25.44 0.86 10.73
N THR A 285 -25.47 2.15 10.43
CA THR A 285 -26.15 2.59 9.23
C THR A 285 -25.09 2.79 8.14
N THR A 286 -25.40 2.31 6.94
CA THR A 286 -24.49 2.37 5.81
C THR A 286 -24.92 3.42 4.77
N HIS A 287 -23.93 4.10 4.21
CA HIS A 287 -24.19 5.12 3.22
C HIS A 287 -23.12 5.02 2.15
N ARG A 288 -23.39 5.61 0.99
CA ARG A 288 -22.35 5.70 -0.02
C ARG A 288 -22.23 7.11 -0.55
N PHE A 289 -21.00 7.57 -0.72
CA PHE A 289 -20.77 8.83 -1.41
C PHE A 289 -20.96 8.57 -2.91
N ARG A 290 -22.10 8.97 -3.45
CA ARG A 290 -22.42 8.72 -4.86
C ARG A 290 -21.24 9.06 -5.76
N ASP A 291 -20.98 10.35 -5.86
CA ASP A 291 -19.86 10.88 -6.63
CA ASP A 291 -19.88 10.96 -6.60
C ASP A 291 -18.50 10.29 -6.40
N GLN A 292 -18.12 10.08 -5.15
CA GLN A 292 -16.79 9.53 -4.85
C GLN A 292 -16.73 8.01 -5.02
N GLN A 293 -17.90 7.40 -5.06
CA GLN A 293 -18.07 5.96 -5.30
C GLN A 293 -17.43 5.06 -4.23
N VAL A 294 -17.52 5.49 -2.96
CA VAL A 294 -16.99 4.70 -1.85
C VAL A 294 -17.93 4.83 -0.66
N PRO A 295 -18.00 3.81 0.18
CA PRO A 295 -18.95 3.79 1.31
C PRO A 295 -18.42 4.35 2.64
N TYR A 296 -19.36 4.71 3.51
CA TYR A 296 -19.05 4.96 4.92
C TYR A 296 -20.14 4.36 5.80
N ALA A 297 -19.85 4.19 7.09
CA ALA A 297 -20.84 3.62 7.99
C ALA A 297 -20.74 4.33 9.34
N THR A 298 -21.85 4.34 10.08
CA THR A 298 -21.80 5.00 11.36
C THR A 298 -22.68 4.30 12.40
N LYS A 299 -22.28 4.40 13.65
CA LYS A 299 -23.12 3.97 14.78
C LYS A 299 -22.59 4.64 16.04
N GLY A 300 -23.48 4.96 16.99
CA GLY A 300 -22.99 5.66 18.15
C GLY A 300 -22.35 6.98 17.74
N ASN A 301 -21.18 7.28 18.28
CA ASN A 301 -20.47 8.50 17.89
C ASN A 301 -19.29 8.14 16.99
N GLN A 302 -19.37 6.98 16.35
CA GLN A 302 -18.26 6.50 15.49
C GLN A 302 -18.64 6.53 14.01
N TRP A 303 -17.70 6.95 13.18
CA TRP A 303 -17.96 7.12 11.76
C TRP A 303 -16.77 6.51 11.03
N VAL A 304 -17.01 5.66 10.06
CA VAL A 304 -15.93 4.94 9.41
C VAL A 304 -16.03 5.04 7.89
N ALA A 305 -14.94 5.50 7.27
CA ALA A 305 -14.82 5.54 5.80
C ALA A 305 -14.09 4.27 5.42
N TYR A 306 -14.59 3.52 4.46
CA TYR A 306 -13.98 2.24 4.12
C TYR A 306 -14.30 1.76 2.71
N ASP A 307 -13.65 0.71 2.30
CA ASP A 307 -13.89 0.07 1.01
C ASP A 307 -14.50 -1.34 1.19
N ASP A 308 -15.58 -1.64 0.47
CA ASP A 308 -16.22 -2.92 0.48
C ASP A 308 -16.04 -3.57 -0.86
N GLN A 309 -16.58 -4.76 -0.99
CA GLN A 309 -16.50 -5.52 -2.24
C GLN A 309 -16.90 -4.67 -3.45
N GLU A 310 -18.01 -3.94 -3.34
CA GLU A 310 -18.47 -3.10 -4.44
C GLU A 310 -17.46 -2.03 -4.83
N SER A 311 -16.89 -1.36 -3.84
CA SER A 311 -15.98 -0.24 -4.14
C SER A 311 -14.65 -0.72 -4.71
N VAL A 312 -14.15 -1.86 -4.19
CA VAL A 312 -12.89 -2.37 -4.74
C VAL A 312 -13.06 -2.92 -6.15
N LYS A 313 -14.21 -3.53 -6.43
CA LYS A 313 -14.49 -3.97 -7.80
C LYS A 313 -14.57 -2.78 -8.74
N ASN A 314 -15.19 -1.71 -8.27
CA ASN A 314 -15.35 -0.51 -9.06
C ASN A 314 -13.99 0.10 -9.40
N LYS A 315 -13.11 0.12 -8.40
CA LYS A 315 -11.74 0.59 -8.63
C LYS A 315 -10.95 -0.32 -9.56
N ALA A 316 -11.16 -1.63 -9.45
CA ALA A 316 -10.50 -2.53 -10.39
C ALA A 316 -10.98 -2.31 -11.83
N ARG A 317 -12.29 -2.06 -12.01
CA ARG A 317 -12.77 -1.79 -13.36
C ARG A 317 -12.15 -0.51 -13.89
N TYR A 318 -12.04 0.48 -13.01
CA TYR A 318 -11.45 1.76 -13.39
C TYR A 318 -10.03 1.61 -13.87
N LEU A 319 -9.21 0.89 -13.12
CA LEU A 319 -7.81 0.84 -13.50
C LEU A 319 -7.62 0.04 -14.80
N LYS A 320 -8.47 -0.97 -15.03
CA LYS A 320 -8.39 -1.73 -16.30
C LYS A 320 -8.80 -0.80 -17.43
N ASN A 321 -9.83 0.01 -17.20
CA ASN A 321 -10.27 0.96 -18.24
C ASN A 321 -9.20 2.00 -18.61
N ARG A 322 -8.33 2.31 -17.65
CA ARG A 322 -7.20 3.21 -17.90
C ARG A 322 -5.94 2.46 -18.32
N GLN A 323 -6.08 1.15 -18.52
CA GLN A 323 -5.03 0.27 -19.03
C GLN A 323 -3.83 0.30 -18.13
N LEU A 324 -4.07 0.42 -16.84
CA LEU A 324 -2.97 0.35 -15.89
C LEU A 324 -2.40 -1.05 -15.76
N ALA A 325 -1.22 -1.14 -15.14
CA ALA A 325 -0.57 -2.43 -14.96
C ALA A 325 -1.29 -3.38 -14.01
N GLY A 326 -2.09 -2.82 -13.10
CA GLY A 326 -2.80 -3.65 -12.15
C GLY A 326 -3.13 -2.89 -10.89
N ALA A 327 -3.36 -3.66 -9.82
CA ALA A 327 -3.77 -3.11 -8.52
C ALA A 327 -2.77 -3.47 -7.45
N MET A 328 -2.72 -2.63 -6.41
CA MET A 328 -1.91 -2.93 -5.22
C MET A 328 -2.89 -2.91 -4.06
N VAL A 329 -2.70 -3.85 -3.14
CA VAL A 329 -3.56 -3.93 -1.96
C VAL A 329 -2.73 -3.74 -0.69
N TRP A 330 -3.14 -2.79 0.15
CA TRP A 330 -2.55 -2.61 1.48
C TRP A 330 -3.67 -2.88 2.45
N ALA A 331 -3.67 -4.02 3.18
CA ALA A 331 -2.65 -5.06 3.19
C ALA A 331 -3.38 -6.39 3.48
N LEU A 332 -2.72 -7.50 3.17
CA LEU A 332 -3.34 -8.80 3.34
C LEU A 332 -3.81 -9.04 4.76
N ASP A 333 -3.03 -8.60 5.75
CA ASP A 333 -3.39 -8.88 7.14
C ASP A 333 -4.55 -8.01 7.64
N LEU A 334 -4.97 -7.04 6.84
CA LEU A 334 -6.12 -6.21 7.18
C LEU A 334 -7.38 -6.61 6.42
N ASP A 335 -7.26 -7.44 5.38
CA ASP A 335 -8.45 -8.02 4.74
C ASP A 335 -8.96 -9.10 5.71
N ASP A 336 -10.11 -9.70 5.41
CA ASP A 336 -10.61 -10.78 6.27
C ASP A 336 -9.91 -12.08 5.85
N PHE A 337 -8.66 -12.20 6.26
CA PHE A 337 -7.79 -13.28 5.84
C PHE A 337 -8.26 -14.61 6.40
N ARG A 338 -8.94 -14.56 7.54
CA ARG A 338 -9.50 -15.78 8.13
C ARG A 338 -10.80 -16.21 7.47
N GLY A 339 -11.51 -15.24 6.91
CA GLY A 339 -12.75 -15.50 6.18
C GLY A 339 -13.96 -15.63 7.09
N THR A 340 -13.75 -15.35 8.36
CA THR A 340 -14.77 -15.58 9.39
C THR A 340 -15.48 -14.37 9.93
N PHE A 341 -15.10 -13.17 9.52
CA PHE A 341 -15.74 -11.97 10.06
C PHE A 341 -16.82 -11.34 9.20
N CYS A 342 -16.79 -11.63 7.90
CA CYS A 342 -17.61 -10.85 6.98
C CYS A 342 -18.87 -11.55 6.47
N GLY A 343 -19.15 -12.71 7.07
CA GLY A 343 -20.38 -13.49 6.86
C GLY A 343 -20.52 -14.12 5.49
N GLN A 344 -19.41 -14.35 4.84
CA GLN A 344 -19.47 -15.02 3.53
C GLN A 344 -18.67 -16.32 3.48
N ASN A 345 -17.96 -16.64 4.56
CA ASN A 345 -17.07 -17.87 4.63
C ASN A 345 -16.17 -17.89 3.39
N LEU A 346 -15.48 -16.78 3.23
CA LEU A 346 -14.62 -16.55 2.11
C LEU A 346 -13.34 -15.86 2.56
N THR A 347 -12.19 -16.48 2.39
CA THR A 347 -10.97 -15.76 2.78
C THR A 347 -10.65 -14.63 1.81
N PHE A 348 -10.09 -13.56 2.35
CA PHE A 348 -9.67 -12.39 1.56
C PHE A 348 -10.76 -11.85 0.65
N PRO A 349 -11.88 -11.47 1.22
CA PRO A 349 -13.01 -11.04 0.39
C PRO A 349 -12.67 -9.82 -0.48
N LEU A 350 -11.94 -8.83 0.06
CA LEU A 350 -11.63 -7.64 -0.74
C LEU A 350 -10.59 -7.94 -1.82
N THR A 351 -9.52 -8.63 -1.42
CA THR A 351 -8.47 -8.90 -2.38
C THR A 351 -8.98 -9.85 -3.46
N SER A 352 -9.80 -10.82 -3.06
CA SER A 352 -10.37 -11.77 -4.04
C SER A 352 -11.32 -11.05 -5.02
N ALA A 353 -12.07 -10.06 -4.52
CA ALA A 353 -12.94 -9.29 -5.41
C ALA A 353 -12.15 -8.57 -6.49
N VAL A 354 -11.04 -7.96 -6.10
CA VAL A 354 -10.16 -7.31 -7.07
C VAL A 354 -9.62 -8.33 -8.09
N LYS A 355 -9.10 -9.46 -7.57
CA LYS A 355 -8.56 -10.51 -8.43
C LYS A 355 -9.58 -10.95 -9.47
N ASP A 356 -10.82 -11.12 -9.03
CA ASP A 356 -11.85 -11.65 -9.95
C ASP A 356 -12.15 -10.65 -11.05
N VAL A 357 -12.18 -9.37 -10.70
CA VAL A 357 -12.44 -8.35 -11.72
C VAL A 357 -11.25 -8.26 -12.68
N LEU A 358 -10.02 -8.31 -12.17
CA LEU A 358 -8.88 -8.22 -13.07
C LEU A 358 -8.94 -9.34 -14.13
N ALA A 359 -9.46 -10.50 -13.76
CA ALA A 359 -9.54 -11.62 -14.70
C ALA A 359 -10.64 -11.49 -15.74
N GLU A 360 -11.61 -10.64 -15.46
CA GLU A 360 -12.70 -10.44 -16.37
C GLU A 360 -12.31 -9.72 -17.64
N ALA A 361 -13.03 -10.08 -18.69
CA ALA A 361 -13.08 -9.25 -19.89
C ALA A 361 -14.14 -9.76 -20.87
#